data_4PKT
#
_entry.id   4PKT
#
_cell.length_a   57.530
_cell.length_b   76.807
_cell.length_c   139.334
_cell.angle_alpha   90.000
_cell.angle_beta   90.000
_cell.angle_gamma   90.000
#
_symmetry.space_group_name_H-M   'P 21 21 21'
#
loop_
_entity.id
_entity.type
_entity.pdbx_description
1 polymer 'Lethal factor'
2 non-polymer N~2~-[(4-fluoro-3-methylphenyl)sulfonyl]-N-hydroxy-N~2~-(4-nitrobenzyl)-D-alaninamide
3 non-polymer 'ZINC ION'
4 water water
#
_entity_poly.entity_id   1
_entity_poly.type   'polypeptide(L)'
_entity_poly.pdbx_seq_one_letter_code
;SNALSRYEKWEKIKQHYQHWSDSLSEEGRGLLKKLQIPIEPKKDDIIHSLSQEEKELLKRIQIDSSDFLSTEEKEFLKKL
QIDIRDSLSEEEKELLNRIQVDSSNPLSEKEKEFLKKLKLDIQPYDINQRLQDTGGLIDSPSINLDVRKQYKRDIQNIDA
LLHQSIGSTLYNKIYLYENMNINNLTATLGADLVDSTDNTKINRGIFNEFKKNFKYSISSNYMIVDINERPALDNERLKW
RIQLSPDTRAGYLENGKLILQRNIGLEIKDVQIIKQSEKEYIRIDAKVVPKSKIDTKIQEAQLNINQEWNKALGLPKYTK
LITFNVHNRYASNIVESAYLILNEWKNNIQSDLIKKVTNYLVDGNGRFVFTDITLPNIAEQYTHQDEIYEQVHSKGLYVP
ESRSILLHGPSKGVELRNDSEGFIHEFGHAVDDYAGYLLDKNQSDLVTNSKKFIDIFKEEGSNLTSYGRTNEAEFFAEAF
RLMHSTDHAERLKVQKNAPKTFQFINDQIKFIINSLVPR
;
_entity_poly.pdbx_strand_id   A
#
# COMPACT_ATOMS: atom_id res chain seq x y z
N LEU A 4 38.06 -13.71 -2.68
CA LEU A 4 37.06 -13.22 -1.76
C LEU A 4 37.03 -14.01 -0.46
N SER A 5 36.48 -15.24 -0.56
CA SER A 5 36.18 -16.13 0.57
C SER A 5 35.06 -15.53 1.42
N ARG A 6 34.07 -16.34 1.72
CA ARG A 6 32.88 -15.86 2.42
C ARG A 6 33.27 -15.48 3.83
N TYR A 7 34.14 -16.28 4.44
CA TYR A 7 34.50 -16.09 5.83
C TYR A 7 35.49 -14.95 6.02
N GLU A 8 36.36 -14.72 5.04
CA GLU A 8 37.31 -13.62 5.13
C GLU A 8 36.59 -12.29 4.97
N LYS A 9 35.71 -12.24 3.98
CA LYS A 9 34.87 -11.08 3.73
C LYS A 9 34.17 -10.65 5.02
N TRP A 10 33.56 -11.64 5.66
CA TRP A 10 32.87 -11.45 6.91
C TRP A 10 33.84 -10.86 7.96
N GLU A 11 34.96 -11.52 8.21
CA GLU A 11 35.86 -11.02 9.27
C GLU A 11 36.41 -9.63 8.92
N LYS A 12 36.55 -9.34 7.64
CA LYS A 12 37.11 -8.06 7.21
C LYS A 12 36.10 -6.92 7.49
N ILE A 13 34.82 -7.19 7.29
CA ILE A 13 33.80 -6.18 7.54
C ILE A 13 33.60 -6.01 9.05
N LYS A 14 33.59 -7.13 9.78
CA LYS A 14 33.48 -7.08 11.23
C LYS A 14 34.59 -6.20 11.85
N GLN A 15 35.84 -6.40 11.43
CA GLN A 15 36.97 -5.59 11.90
C GLN A 15 36.83 -4.10 11.53
N HIS A 16 36.33 -3.79 10.34
CA HIS A 16 36.13 -2.41 9.96
C HIS A 16 35.21 -1.66 10.93
N TYR A 17 34.33 -2.41 11.58
CA TYR A 17 33.32 -1.89 12.50
C TYR A 17 33.59 -2.28 13.95
N GLN A 18 34.68 -3.00 14.19
CA GLN A 18 35.01 -3.46 15.55
C GLN A 18 35.02 -2.35 16.63
N HIS A 19 35.65 -1.21 16.36
CA HIS A 19 35.64 -0.11 17.31
C HIS A 19 34.22 0.35 17.57
N TRP A 20 33.46 0.46 16.49
CA TRP A 20 32.06 0.85 16.59
C TRP A 20 31.27 -0.13 17.46
N SER A 21 31.41 -1.44 17.22
CA SER A 21 30.70 -2.44 18.03
C SER A 21 31.07 -2.37 19.49
N ASP A 22 32.37 -2.28 19.78
CA ASP A 22 32.84 -2.25 21.16
C ASP A 22 32.35 -0.99 21.87
N SER A 23 32.09 0.05 21.09
CA SER A 23 31.64 1.33 21.66
C SER A 23 30.15 1.38 22.04
N LEU A 24 29.34 0.45 21.55
CA LEU A 24 27.91 0.56 21.84
C LEU A 24 27.63 0.42 23.33
N SER A 25 26.78 1.30 23.86
CA SER A 25 26.24 1.13 25.19
C SER A 25 25.27 -0.04 25.23
N GLU A 26 24.89 -0.47 26.41
CA GLU A 26 23.88 -1.53 26.51
C GLU A 26 22.53 -1.00 26.03
N GLU A 27 22.41 0.31 25.97
CA GLU A 27 21.19 0.94 25.54
C GLU A 27 21.13 0.95 24.01
N GLY A 28 22.22 1.36 23.36
CA GLY A 28 22.29 1.33 21.90
C GLY A 28 22.12 -0.10 21.39
N ARG A 29 22.70 -1.03 22.11
CA ARG A 29 22.60 -2.45 21.82
C ARG A 29 21.16 -2.97 21.94
N GLY A 30 20.46 -2.60 23.02
CA GLY A 30 19.08 -3.04 23.18
C GLY A 30 18.19 -2.49 22.05
N LEU A 31 18.54 -1.29 21.59
CA LEU A 31 17.77 -0.61 20.57
C LEU A 31 17.91 -1.31 19.22
N LEU A 32 19.12 -1.69 18.86
CA LEU A 32 19.32 -2.43 17.63
C LEU A 32 18.59 -3.78 17.66
N LYS A 33 18.46 -4.40 18.83
CA LYS A 33 17.72 -5.67 18.90
C LYS A 33 16.21 -5.44 18.84
N LYS A 34 15.75 -4.32 19.39
CA LYS A 34 14.34 -3.97 19.31
C LYS A 34 13.95 -3.75 17.86
N LEU A 35 14.87 -3.20 17.08
CA LEU A 35 14.65 -2.95 15.67
C LEU A 35 14.51 -4.24 14.86
N GLN A 36 15.33 -5.24 15.18
CA GLN A 36 15.31 -6.51 14.46
C GLN A 36 14.18 -7.40 14.92
N ILE A 37 13.84 -7.29 16.21
CA ILE A 37 12.76 -8.09 16.74
C ILE A 37 11.66 -7.22 17.36
N PRO A 38 10.60 -6.98 16.58
CA PRO A 38 9.49 -6.17 17.07
C PRO A 38 8.83 -6.80 18.30
N ILE A 39 8.22 -5.94 19.10
CA ILE A 39 7.60 -6.35 20.35
C ILE A 39 6.14 -6.61 20.07
N GLU A 40 5.79 -7.89 20.00
CA GLU A 40 4.44 -8.30 19.63
C GLU A 40 3.46 -8.00 20.75
N PRO A 41 2.17 -7.85 20.40
CA PRO A 41 1.16 -7.70 21.46
C PRO A 41 0.93 -9.03 22.20
N LYS A 42 0.82 -8.99 23.53
CA LYS A 42 0.56 -10.21 24.29
C LYS A 42 -0.94 -10.52 24.30
N LYS A 43 -1.34 -11.54 23.53
CA LYS A 43 -2.75 -11.96 23.42
C LYS A 43 -3.42 -12.13 24.78
N ASP A 44 -2.62 -12.42 25.80
CA ASP A 44 -3.06 -12.48 27.19
C ASP A 44 -3.73 -11.20 27.64
N ASP A 45 -2.91 -10.15 27.73
CA ASP A 45 -3.34 -8.81 28.13
C ASP A 45 -4.56 -8.32 27.34
N ILE A 46 -4.54 -8.57 26.04
CA ILE A 46 -5.64 -8.17 25.17
C ILE A 46 -6.99 -8.67 25.68
N ILE A 47 -7.07 -9.98 25.95
CA ILE A 47 -8.33 -10.61 26.34
C ILE A 47 -8.75 -10.21 27.77
N HIS A 48 -7.76 -10.00 28.63
CA HIS A 48 -8.03 -9.56 30.00
C HIS A 48 -8.64 -8.15 30.06
N SER A 49 -8.39 -7.34 29.03
CA SER A 49 -8.91 -5.97 28.98
C SER A 49 -10.33 -5.88 28.44
N LEU A 50 -10.83 -6.98 27.88
CA LEU A 50 -12.19 -7.01 27.38
C LEU A 50 -13.18 -7.34 28.49
N SER A 51 -14.39 -6.82 28.35
CA SER A 51 -15.52 -7.22 29.18
C SER A 51 -16.05 -8.52 28.62
N GLN A 52 -16.83 -9.25 29.42
CA GLN A 52 -17.22 -10.59 28.99
C GLN A 52 -18.17 -10.50 27.79
N GLU A 53 -19.03 -9.48 27.74
CA GLU A 53 -19.87 -9.24 26.57
C GLU A 53 -19.05 -9.05 25.29
N GLU A 54 -17.86 -8.47 25.44
CA GLU A 54 -16.92 -8.30 24.33
C GLU A 54 -16.18 -9.61 24.02
N LYS A 55 -15.83 -10.38 25.05
CA LYS A 55 -15.30 -11.72 24.86
C LYS A 55 -16.29 -12.55 24.03
N GLU A 56 -17.55 -12.49 24.42
CA GLU A 56 -18.60 -13.20 23.72
C GLU A 56 -18.76 -12.66 22.31
N LEU A 57 -18.83 -11.33 22.17
CA LEU A 57 -19.05 -10.70 20.87
C LEU A 57 -17.93 -11.01 19.89
N LEU A 58 -16.70 -10.97 20.38
CA LEU A 58 -15.53 -11.24 19.57
C LEU A 58 -15.53 -12.67 19.00
N LYS A 59 -15.93 -13.63 19.84
CA LYS A 59 -15.97 -15.04 19.43
C LYS A 59 -16.88 -15.33 18.23
N ARG A 60 -17.91 -14.50 18.05
CA ARG A 60 -18.98 -14.79 17.09
C ARG A 60 -18.85 -14.03 15.77
N ILE A 61 -17.94 -13.06 15.70
CA ILE A 61 -17.83 -12.21 14.52
C ILE A 61 -17.16 -12.93 13.33
N GLN A 62 -17.72 -12.80 12.14
CA GLN A 62 -17.03 -13.24 10.92
C GLN A 62 -15.91 -12.25 10.59
N ILE A 63 -14.70 -12.59 11.04
CA ILE A 63 -13.55 -11.70 10.96
C ILE A 63 -13.10 -11.42 9.53
N ASP A 64 -13.25 -12.40 8.65
CA ASP A 64 -12.82 -12.21 7.27
C ASP A 64 -13.73 -11.27 6.49
N SER A 65 -14.90 -10.95 7.05
CA SER A 65 -15.85 -10.07 6.35
C SER A 65 -15.65 -8.63 6.80
N SER A 66 -14.42 -8.30 7.17
CA SER A 66 -14.08 -6.93 7.52
C SER A 66 -13.36 -6.26 6.37
N ASP A 67 -13.72 -5.01 6.06
CA ASP A 67 -13.13 -4.31 4.94
C ASP A 67 -12.10 -3.25 5.35
N PHE A 68 -11.72 -3.27 6.63
CA PHE A 68 -10.77 -2.29 7.17
C PHE A 68 -9.65 -2.98 7.97
N LEU A 69 -9.58 -4.31 7.88
CA LEU A 69 -8.54 -5.07 8.56
C LEU A 69 -7.64 -5.81 7.56
N SER A 70 -6.33 -5.76 7.78
CA SER A 70 -5.37 -6.43 6.91
C SER A 70 -5.35 -7.93 7.19
N THR A 71 -4.57 -8.69 6.42
CA THR A 71 -4.51 -10.14 6.62
C THR A 71 -3.89 -10.51 7.96
N GLU A 72 -2.74 -9.92 8.27
CA GLU A 72 -2.04 -10.19 9.53
C GLU A 72 -2.96 -9.88 10.71
N GLU A 73 -3.69 -8.77 10.61
CA GLU A 73 -4.65 -8.36 11.63
C GLU A 73 -5.82 -9.35 11.74
N LYS A 74 -6.37 -9.75 10.60
CA LYS A 74 -7.45 -10.72 10.59
C LYS A 74 -7.01 -12.04 11.23
N GLU A 75 -5.75 -12.43 10.99
CA GLU A 75 -5.23 -13.69 11.52
C GLU A 75 -4.98 -13.65 13.04
N PHE A 76 -4.48 -12.52 13.55
CA PHE A 76 -4.27 -12.40 14.99
C PHE A 76 -5.60 -12.47 15.76
N LEU A 77 -6.65 -11.94 15.14
CA LEU A 77 -7.96 -11.93 15.79
C LEU A 77 -8.63 -13.31 15.78
N LYS A 78 -8.32 -14.14 14.79
CA LYS A 78 -8.82 -15.52 14.78
C LYS A 78 -8.09 -16.37 15.82
N LYS A 79 -6.79 -16.10 16.01
CA LYS A 79 -5.99 -16.76 17.04
C LYS A 79 -6.42 -16.29 18.43
N LEU A 80 -7.11 -15.17 18.45
CA LEU A 80 -7.65 -14.62 19.69
C LEU A 80 -9.01 -15.27 19.94
N GLN A 81 -9.81 -15.30 18.88
CA GLN A 81 -11.13 -15.92 18.87
C GLN A 81 -11.10 -17.34 19.42
N ILE A 82 -10.06 -18.08 19.06
CA ILE A 82 -9.95 -19.50 19.42
C ILE A 82 -9.50 -19.72 20.86
N ASP A 83 -8.64 -18.85 21.37
CA ASP A 83 -8.12 -19.03 22.72
C ASP A 83 -9.20 -18.64 23.72
N ILE A 84 -10.12 -17.79 23.30
CA ILE A 84 -11.31 -17.53 24.10
C ILE A 84 -12.12 -18.83 24.16
N ARG A 85 -12.17 -19.51 23.02
CA ARG A 85 -13.02 -20.68 22.83
C ARG A 85 -12.43 -21.96 23.46
N ASP A 86 -11.11 -22.02 23.61
CA ASP A 86 -10.45 -23.17 24.23
C ASP A 86 -10.43 -23.06 25.75
N SER A 87 -11.53 -22.57 26.32
CA SER A 87 -11.65 -22.38 27.76
C SER A 87 -13.12 -22.45 28.18
N SER A 103 -23.14 -17.16 3.73
CA SER A 103 -21.74 -17.57 3.70
C SER A 103 -20.81 -16.43 4.14
N SER A 104 -20.90 -15.31 3.46
CA SER A 104 -20.12 -14.12 3.81
C SER A 104 -21.03 -12.93 4.02
N ASN A 105 -21.69 -12.90 5.17
CA ASN A 105 -22.64 -11.84 5.51
C ASN A 105 -21.95 -10.57 6.02
N PRO A 106 -22.30 -9.41 5.43
CA PRO A 106 -21.81 -8.07 5.78
C PRO A 106 -21.87 -7.81 7.30
N LEU A 107 -20.83 -7.22 7.88
CA LEU A 107 -20.76 -7.01 9.34
C LEU A 107 -21.74 -5.96 9.88
N SER A 108 -22.25 -6.21 11.08
CA SER A 108 -23.17 -5.30 11.74
C SER A 108 -22.48 -4.03 12.20
N GLU A 109 -23.28 -3.00 12.49
CA GLU A 109 -22.79 -1.73 12.96
C GLU A 109 -22.00 -1.88 14.26
N LYS A 110 -22.56 -2.58 15.24
CA LYS A 110 -21.91 -2.69 16.54
C LYS A 110 -20.71 -3.64 16.51
N GLU A 111 -20.63 -4.50 15.49
CA GLU A 111 -19.45 -5.34 15.28
C GLU A 111 -18.29 -4.52 14.74
N LYS A 112 -18.58 -3.67 13.75
CA LYS A 112 -17.59 -2.82 13.12
C LYS A 112 -16.96 -1.78 14.08
N GLU A 113 -17.79 -1.13 14.89
CA GLU A 113 -17.32 -0.18 15.88
C GLU A 113 -16.42 -0.86 16.88
N PHE A 114 -16.84 -2.03 17.35
CA PHE A 114 -16.02 -2.76 18.28
C PHE A 114 -14.67 -3.05 17.66
N LEU A 115 -14.66 -3.55 16.43
CA LEU A 115 -13.43 -4.01 15.82
C LEU A 115 -12.52 -2.85 15.45
N LYS A 116 -13.10 -1.71 15.08
CA LYS A 116 -12.31 -0.54 14.71
C LYS A 116 -11.51 -0.06 15.91
N LYS A 117 -12.06 -0.19 17.10
CA LYS A 117 -11.34 0.24 18.30
C LYS A 117 -10.32 -0.83 18.70
N LEU A 118 -10.69 -2.11 18.58
CA LEU A 118 -9.77 -3.21 18.95
C LEU A 118 -8.53 -3.19 18.08
N LYS A 119 -8.69 -2.69 16.87
CA LYS A 119 -7.61 -2.57 15.90
C LYS A 119 -6.42 -1.81 16.48
N LEU A 120 -6.70 -0.78 17.26
CA LEU A 120 -5.66 0.10 17.76
C LEU A 120 -4.82 -0.57 18.86
N ASP A 121 -5.32 -1.65 19.44
CA ASP A 121 -4.67 -2.26 20.60
C ASP A 121 -3.89 -3.54 20.28
N ILE A 122 -3.79 -3.90 19.01
CA ILE A 122 -3.17 -5.18 18.64
C ILE A 122 -1.95 -5.02 17.75
N GLN A 123 -1.49 -3.79 17.57
CA GLN A 123 -0.33 -3.56 16.71
C GLN A 123 0.96 -3.82 17.46
N PRO A 124 1.93 -4.46 16.78
CA PRO A 124 3.30 -4.61 17.29
C PRO A 124 4.02 -3.26 17.37
N TYR A 125 4.99 -3.11 18.25
CA TYR A 125 5.85 -1.95 18.19
C TYR A 125 7.02 -2.27 17.27
N ASP A 126 6.93 -1.80 16.03
CA ASP A 126 7.80 -2.25 14.94
C ASP A 126 8.33 -1.04 14.19
N ILE A 127 9.55 -0.66 14.53
CA ILE A 127 10.20 0.56 14.08
C ILE A 127 10.39 0.59 12.57
N ASN A 128 10.95 -0.48 12.03
CA ASN A 128 11.08 -0.57 10.58
C ASN A 128 9.73 -0.54 9.86
N GLN A 129 8.69 -1.07 10.50
CA GLN A 129 7.37 -1.06 9.87
C GLN A 129 6.77 0.34 9.91
N ARG A 130 6.97 1.05 11.03
CA ARG A 130 6.50 2.42 11.14
C ARG A 130 7.15 3.28 10.04
N LEU A 131 8.44 3.04 9.78
CA LEU A 131 9.16 3.80 8.76
C LEU A 131 8.65 3.46 7.37
N GLN A 132 8.38 2.20 7.11
CA GLN A 132 7.86 1.80 5.81
C GLN A 132 6.44 2.30 5.56
N ASP A 133 5.58 2.17 6.57
CA ASP A 133 4.18 2.57 6.42
C ASP A 133 4.03 4.09 6.20
N THR A 134 4.94 4.88 6.77
CA THR A 134 4.88 6.33 6.66
C THR A 134 5.80 6.88 5.57
N GLY A 135 6.63 6.01 4.99
CA GLY A 135 7.63 6.49 4.06
C GLY A 135 8.58 7.48 4.73
N GLY A 136 8.76 7.36 6.04
CA GLY A 136 9.69 8.21 6.78
C GLY A 136 9.06 9.47 7.36
N LEU A 137 7.82 9.77 6.96
CA LEU A 137 7.04 10.90 7.48
C LEU A 137 6.40 10.48 8.80
N ILE A 138 7.24 10.29 9.80
CA ILE A 138 6.81 9.70 11.06
C ILE A 138 5.93 10.59 11.95
N ASP A 139 5.74 11.86 11.57
CA ASP A 139 4.81 12.71 12.32
C ASP A 139 3.36 12.54 11.89
N SER A 140 3.11 11.67 10.91
CA SER A 140 1.74 11.42 10.44
C SER A 140 0.88 10.91 11.57
N PRO A 141 -0.26 11.58 11.81
CA PRO A 141 -1.10 11.25 12.97
C PRO A 141 -1.95 9.98 12.74
N SER A 142 -1.28 8.89 12.41
CA SER A 142 -1.92 7.60 12.21
C SER A 142 -1.73 6.67 13.40
N ILE A 143 -0.99 7.10 14.41
CA ILE A 143 -0.97 6.40 15.70
C ILE A 143 -1.02 7.37 16.87
N ASN A 144 -1.46 6.88 18.03
CA ASN A 144 -1.43 7.60 19.31
C ASN A 144 -0.18 8.47 19.49
N LEU A 145 -0.36 9.71 19.94
CA LEU A 145 0.73 10.68 19.98
C LEU A 145 1.91 10.22 20.89
N ASP A 146 1.61 9.58 22.00
CA ASP A 146 2.69 9.11 22.88
C ASP A 146 3.57 8.04 22.22
N VAL A 147 2.93 7.10 21.55
CA VAL A 147 3.65 6.07 20.81
C VAL A 147 4.38 6.67 19.61
N ARG A 148 3.75 7.66 18.97
CA ARG A 148 4.37 8.37 17.83
C ARG A 148 5.70 8.99 18.25
N LYS A 149 5.76 9.56 19.45
CA LYS A 149 7.01 10.16 19.93
C LYS A 149 8.05 9.10 20.30
N GLN A 150 7.61 8.00 20.88
CA GLN A 150 8.49 6.87 21.16
C GLN A 150 9.24 6.41 19.88
N TYR A 151 8.47 6.16 18.81
CA TYR A 151 9.05 5.79 17.52
C TYR A 151 10.10 6.79 17.10
N LYS A 152 9.72 8.05 17.15
CA LYS A 152 10.61 9.15 16.80
C LYS A 152 11.89 9.19 17.66
N ARG A 153 11.77 8.94 18.95
CA ARG A 153 12.94 8.91 19.82
C ARG A 153 13.90 7.78 19.42
N ASP A 154 13.34 6.58 19.23
CA ASP A 154 14.09 5.42 18.80
C ASP A 154 14.76 5.64 17.44
N ILE A 155 14.01 6.19 16.49
CA ILE A 155 14.53 6.41 15.17
C ILE A 155 15.68 7.41 15.19
N GLN A 156 15.49 8.55 15.87
CA GLN A 156 16.57 9.55 16.01
C GLN A 156 17.81 8.92 16.66
N ASN A 157 17.60 8.08 17.68
CA ASN A 157 18.72 7.43 18.35
C ASN A 157 19.46 6.47 17.44
N ILE A 158 18.73 5.72 16.63
CA ILE A 158 19.35 4.78 15.71
C ILE A 158 20.12 5.54 14.62
N ASP A 159 19.54 6.60 14.07
CA ASP A 159 20.29 7.42 13.12
C ASP A 159 21.66 7.82 13.70
N ALA A 160 21.69 8.24 14.96
CA ALA A 160 22.92 8.74 15.56
C ALA A 160 23.95 7.62 15.76
N LEU A 161 23.48 6.42 16.08
CA LEU A 161 24.34 5.23 16.10
C LEU A 161 24.98 4.95 14.73
N LEU A 162 24.21 5.14 13.66
CA LEU A 162 24.72 4.74 12.35
C LEU A 162 25.53 5.86 11.71
N HIS A 163 26.73 6.10 12.22
CA HIS A 163 27.52 7.24 11.77
C HIS A 163 28.75 6.85 10.94
N GLN A 164 29.14 5.58 10.95
CA GLN A 164 30.37 5.20 10.27
C GLN A 164 30.11 4.65 8.88
N SER A 165 30.74 5.26 7.88
CA SER A 165 30.50 4.87 6.51
C SER A 165 31.28 3.59 6.19
N ILE A 166 30.84 2.89 5.16
CA ILE A 166 31.50 1.67 4.70
C ILE A 166 32.88 2.01 4.11
N GLY A 167 33.01 3.22 3.57
CA GLY A 167 34.30 3.73 3.17
C GLY A 167 34.80 3.40 1.77
N SER A 168 35.92 4.02 1.40
CA SER A 168 36.47 3.97 0.05
C SER A 168 37.22 2.68 -0.28
N THR A 169 37.56 1.88 0.71
CA THR A 169 38.27 0.63 0.44
C THR A 169 37.31 -0.53 0.19
N LEU A 170 36.32 -0.70 1.07
CA LEU A 170 35.46 -1.88 1.04
C LEU A 170 34.32 -1.80 0.02
N TYR A 171 33.88 -0.60 -0.30
CA TYR A 171 32.62 -0.40 -1.03
C TYR A 171 32.58 -1.06 -2.42
N ASN A 172 33.67 -1.03 -3.18
CA ASN A 172 33.66 -1.67 -4.49
C ASN A 172 34.26 -3.07 -4.47
N LYS A 173 34.53 -3.60 -3.27
CA LYS A 173 35.11 -4.94 -3.15
C LYS A 173 34.18 -5.95 -2.50
N ILE A 174 32.97 -5.51 -2.18
CA ILE A 174 31.96 -6.37 -1.56
C ILE A 174 30.53 -6.17 -2.13
N TYR A 175 29.77 -7.23 -2.07
CA TYR A 175 28.35 -7.17 -2.33
C TYR A 175 27.66 -7.46 -1.00
N LEU A 176 26.46 -6.95 -0.83
CA LEU A 176 25.63 -7.36 0.28
C LEU A 176 24.34 -7.91 -0.28
N TYR A 177 23.63 -8.69 0.52
CA TYR A 177 22.52 -9.46 0.01
C TYR A 177 21.29 -9.29 0.86
N GLU A 178 20.13 -9.40 0.22
CA GLU A 178 18.86 -9.37 0.90
C GLU A 178 17.88 -10.31 0.22
N ASN A 179 17.27 -11.21 0.99
CA ASN A 179 16.21 -12.03 0.44
C ASN A 179 14.89 -11.30 0.68
N MET A 180 13.98 -11.36 -0.28
CA MET A 180 12.73 -10.66 -0.09
C MET A 180 11.54 -11.48 -0.62
N ASN A 181 10.39 -11.30 0.01
CA ASN A 181 9.16 -11.84 -0.54
C ASN A 181 8.62 -10.91 -1.61
N ILE A 182 8.29 -11.47 -2.77
CA ILE A 182 7.73 -10.69 -3.87
C ILE A 182 6.53 -9.87 -3.41
N ASN A 183 5.79 -10.43 -2.47
CA ASN A 183 4.55 -9.79 -2.05
C ASN A 183 4.82 -8.50 -1.29
N ASN A 184 6.04 -8.32 -0.81
CA ASN A 184 6.42 -7.09 -0.12
C ASN A 184 6.55 -5.93 -1.10
N LEU A 185 6.64 -6.22 -2.39
CA LEU A 185 6.74 -5.16 -3.39
C LEU A 185 5.45 -5.00 -4.17
N THR A 186 4.83 -6.12 -4.49
CA THR A 186 3.63 -6.08 -5.31
C THR A 186 2.83 -7.37 -5.08
N ALA A 187 1.78 -7.24 -4.29
CA ALA A 187 0.96 -8.38 -3.93
C ALA A 187 0.16 -8.86 -5.15
N THR A 188 -0.10 -7.96 -6.10
CA THR A 188 -0.89 -8.31 -7.29
C THR A 188 -0.11 -9.22 -8.23
N LEU A 189 1.13 -8.89 -8.53
CA LEU A 189 2.00 -9.75 -9.33
C LEU A 189 2.51 -10.98 -8.57
N GLY A 190 2.67 -10.82 -7.26
CA GLY A 190 3.22 -11.89 -6.44
C GLY A 190 2.33 -13.12 -6.40
N ALA A 191 1.03 -12.89 -6.37
CA ALA A 191 0.05 -13.98 -6.38
C ALA A 191 0.27 -14.96 -7.53
N ASP A 192 0.76 -14.47 -8.66
CA ASP A 192 0.92 -15.30 -9.86
C ASP A 192 2.33 -15.22 -10.47
N LEU A 193 3.37 -15.09 -9.64
CA LEU A 193 4.74 -15.03 -10.17
C LEU A 193 5.39 -16.41 -10.19
N VAL A 194 4.98 -17.26 -9.26
CA VAL A 194 5.41 -18.63 -9.29
C VAL A 194 4.47 -19.41 -10.20
N ASP A 195 5.05 -20.09 -11.18
CA ASP A 195 4.31 -20.96 -12.09
C ASP A 195 3.42 -21.93 -11.32
N SER A 196 2.15 -21.99 -11.71
CA SER A 196 1.13 -22.76 -11.00
C SER A 196 1.28 -24.28 -11.15
N THR A 197 1.78 -24.72 -12.30
CA THR A 197 1.92 -26.15 -12.55
C THR A 197 3.25 -26.68 -12.03
N ASP A 198 4.23 -25.78 -11.86
CA ASP A 198 5.52 -26.17 -11.28
C ASP A 198 6.14 -25.02 -10.45
N ASN A 199 6.26 -25.26 -9.15
CA ASN A 199 6.64 -24.20 -8.22
C ASN A 199 8.13 -23.91 -8.21
N THR A 200 8.93 -24.69 -8.92
CA THR A 200 10.35 -24.42 -9.00
C THR A 200 10.64 -23.47 -10.15
N LYS A 201 9.59 -22.97 -10.80
CA LYS A 201 9.76 -22.15 -11.99
C LYS A 201 9.07 -20.79 -11.89
N ILE A 202 9.69 -19.80 -12.53
CA ILE A 202 9.16 -18.45 -12.64
C ILE A 202 8.35 -18.26 -13.94
N ASN A 203 7.08 -17.89 -13.80
CA ASN A 203 6.25 -17.44 -14.92
C ASN A 203 6.92 -16.33 -15.73
N ARG A 204 7.40 -16.65 -16.93
CA ARG A 204 8.22 -15.74 -17.72
C ARG A 204 7.51 -14.43 -18.11
N GLY A 205 6.20 -14.50 -18.26
CA GLY A 205 5.44 -13.34 -18.69
C GLY A 205 5.34 -12.33 -17.56
N ILE A 206 4.88 -12.80 -16.41
CA ILE A 206 4.85 -12.00 -15.20
C ILE A 206 6.24 -11.40 -14.89
N PHE A 207 7.29 -12.23 -14.98
CA PHE A 207 8.66 -11.74 -14.79
C PHE A 207 9.01 -10.54 -15.68
N ASN A 208 8.59 -10.58 -16.94
CA ASN A 208 8.89 -9.50 -17.87
C ASN A 208 8.21 -8.18 -17.46
N GLU A 209 7.03 -8.30 -16.87
CA GLU A 209 6.24 -7.15 -16.42
C GLU A 209 6.77 -6.57 -15.10
N PHE A 210 7.12 -7.44 -14.17
CA PHE A 210 7.73 -7.01 -12.92
C PHE A 210 9.02 -6.25 -13.20
N LYS A 211 9.74 -6.64 -14.24
CA LYS A 211 11.04 -6.09 -14.57
C LYS A 211 11.00 -4.86 -15.47
N LYS A 212 9.99 -4.78 -16.35
CA LYS A 212 9.97 -3.76 -17.39
C LYS A 212 10.01 -2.34 -16.82
N ASN A 213 9.37 -2.13 -15.68
CA ASN A 213 9.36 -0.79 -15.10
C ASN A 213 10.02 -0.72 -13.71
N PHE A 214 10.98 -1.59 -13.47
CA PHE A 214 11.71 -1.60 -12.21
C PHE A 214 13.09 -0.99 -12.46
N LYS A 215 13.19 0.32 -12.31
CA LYS A 215 14.45 1.00 -12.58
C LYS A 215 15.10 1.63 -11.33
N TYR A 216 14.29 1.98 -10.33
CA TYR A 216 14.81 2.50 -9.07
C TYR A 216 13.92 2.14 -7.89
N SER A 217 14.48 2.33 -6.70
CA SER A 217 13.95 1.76 -5.48
C SER A 217 14.36 2.65 -4.33
N ILE A 218 13.47 2.86 -3.35
CA ILE A 218 13.82 3.62 -2.17
C ILE A 218 13.67 2.83 -0.89
N SER A 219 14.65 2.93 -0.01
CA SER A 219 14.51 2.34 1.31
C SER A 219 14.28 3.45 2.32
N SER A 220 13.05 3.56 2.80
CA SER A 220 12.75 4.53 3.84
C SER A 220 13.00 3.97 5.23
N ASN A 221 13.23 2.66 5.35
CA ASN A 221 13.56 2.11 6.65
C ASN A 221 15.00 1.57 6.71
N TYR A 222 15.35 0.82 7.75
CA TYR A 222 16.73 0.34 7.90
C TYR A 222 16.83 -1.05 7.30
N MET A 223 17.49 -1.15 6.15
CA MET A 223 17.70 -2.44 5.53
C MET A 223 18.65 -3.26 6.38
N ILE A 224 18.27 -4.49 6.66
CA ILE A 224 19.14 -5.42 7.33
C ILE A 224 19.60 -6.38 6.26
N VAL A 225 20.90 -6.41 5.98
CA VAL A 225 21.42 -7.17 4.85
C VAL A 225 22.44 -8.20 5.32
N ASP A 226 22.57 -9.28 4.54
CA ASP A 226 23.54 -10.32 4.83
C ASP A 226 24.85 -10.06 4.08
N ILE A 227 25.97 -10.31 4.75
CA ILE A 227 27.30 -10.14 4.17
C ILE A 227 27.59 -11.24 3.13
N ASN A 228 27.12 -12.43 3.46
CA ASN A 228 27.14 -13.56 2.53
C ASN A 228 25.73 -13.96 2.22
N GLU A 229 25.48 -14.28 0.95
CA GLU A 229 24.14 -14.67 0.53
C GLU A 229 23.63 -15.86 1.32
N ARG A 230 22.35 -15.81 1.63
CA ARG A 230 21.70 -16.78 2.49
C ARG A 230 20.70 -17.54 1.61
N PRO A 231 20.66 -18.88 1.71
CA PRO A 231 19.68 -19.64 0.93
C PRO A 231 18.25 -19.21 1.25
N ALA A 232 17.40 -19.18 0.23
CA ALA A 232 16.04 -18.72 0.40
C ALA A 232 15.24 -19.61 1.36
N LEU A 233 14.41 -18.97 2.17
CA LEU A 233 13.46 -19.69 3.01
C LEU A 233 12.10 -19.66 2.31
N ASP A 234 11.03 -19.81 3.07
CA ASP A 234 9.68 -19.79 2.50
C ASP A 234 9.35 -18.41 1.92
N ASN A 235 8.89 -18.41 0.67
CA ASN A 235 8.45 -17.20 -0.05
C ASN A 235 9.53 -16.10 -0.22
N GLU A 236 10.79 -16.50 -0.39
CA GLU A 236 11.82 -15.53 -0.70
C GLU A 236 12.37 -15.86 -2.08
N ARG A 237 11.67 -15.43 -3.12
CA ARG A 237 12.10 -15.70 -4.48
C ARG A 237 12.93 -14.54 -5.03
N LEU A 238 12.91 -13.40 -4.33
CA LEU A 238 13.75 -12.27 -4.71
C LEU A 238 15.06 -12.29 -3.95
N LYS A 239 16.17 -12.28 -4.70
CA LYS A 239 17.48 -12.27 -4.06
C LYS A 239 18.25 -11.05 -4.53
N TRP A 240 18.20 -10.00 -3.71
CA TRP A 240 18.93 -8.77 -3.99
C TRP A 240 20.45 -8.93 -3.81
N ARG A 241 21.21 -8.37 -4.75
CA ARG A 241 22.66 -8.20 -4.62
C ARG A 241 23.00 -6.73 -4.76
N ILE A 242 23.51 -6.17 -3.67
CA ILE A 242 23.60 -4.73 -3.51
C ILE A 242 25.03 -4.27 -3.31
N GLN A 243 25.40 -3.31 -4.13
CA GLN A 243 26.63 -2.56 -3.98
C GLN A 243 26.43 -1.17 -3.34
N LEU A 244 27.13 -0.96 -2.23
CA LEU A 244 27.04 0.28 -1.45
C LEU A 244 27.92 1.34 -2.07
N SER A 245 27.71 2.59 -1.67
CA SER A 245 28.61 3.68 -2.04
C SER A 245 29.55 3.94 -0.87
N PRO A 246 30.71 4.58 -1.14
CA PRO A 246 31.71 4.78 -0.07
C PRO A 246 31.20 5.56 1.16
N ASP A 247 30.19 6.40 1.01
CA ASP A 247 29.71 7.18 2.14
C ASP A 247 28.41 6.62 2.77
N THR A 248 27.92 5.48 2.28
CA THR A 248 26.81 4.77 2.90
C THR A 248 27.12 4.41 4.35
N ARG A 249 26.25 4.80 5.27
CA ARG A 249 26.53 4.53 6.67
C ARG A 249 25.82 3.24 7.08
N ALA A 250 26.48 2.50 7.96
CA ALA A 250 26.05 1.16 8.32
C ALA A 250 26.62 0.72 9.66
N GLY A 251 26.11 -0.38 10.19
CA GLY A 251 26.61 -0.96 11.42
C GLY A 251 26.69 -2.47 11.35
N TYR A 252 27.68 -3.05 12.01
CA TYR A 252 27.78 -4.51 12.04
C TYR A 252 26.76 -5.10 13.03
N LEU A 253 26.11 -6.18 12.63
CA LEU A 253 25.22 -6.94 13.51
C LEU A 253 25.74 -8.34 13.59
N GLU A 254 25.54 -9.01 14.73
CA GLU A 254 26.08 -10.34 14.91
C GLU A 254 25.49 -11.33 13.90
N ASN A 255 26.28 -12.37 13.61
CA ASN A 255 25.95 -13.44 12.66
C ASN A 255 25.97 -12.97 11.19
N GLY A 256 26.87 -12.05 10.90
CA GLY A 256 27.22 -11.73 9.53
C GLY A 256 26.32 -10.76 8.80
N LYS A 257 25.79 -9.77 9.51
CA LYS A 257 24.85 -8.83 8.91
C LYS A 257 25.27 -7.37 9.05
N LEU A 258 24.66 -6.51 8.23
CA LEU A 258 24.83 -5.08 8.34
C LEU A 258 23.46 -4.43 8.41
N ILE A 259 23.32 -3.43 9.27
CA ILE A 259 22.17 -2.55 9.19
C ILE A 259 22.60 -1.29 8.45
N LEU A 260 21.85 -0.88 7.44
CA LEU A 260 22.17 0.33 6.69
C LEU A 260 21.30 1.48 7.17
N GLN A 261 21.82 2.69 7.01
CA GLN A 261 21.08 3.90 7.29
C GLN A 261 19.76 3.92 6.53
N ARG A 262 18.77 4.63 7.07
CA ARG A 262 17.51 4.84 6.38
C ARG A 262 17.69 5.88 5.27
N ASN A 263 16.65 6.05 4.47
CA ASN A 263 16.61 7.02 3.37
C ASN A 263 17.70 6.86 2.33
N ILE A 264 17.85 5.68 1.76
CA ILE A 264 18.77 5.56 0.64
C ILE A 264 18.04 5.23 -0.64
N GLY A 265 18.70 5.53 -1.76
CA GLY A 265 18.14 5.26 -3.07
C GLY A 265 18.94 4.17 -3.72
N LEU A 266 18.25 3.30 -4.45
CA LEU A 266 18.89 2.24 -5.21
C LEU A 266 18.53 2.30 -6.69
N GLU A 267 19.55 2.22 -7.54
CA GLU A 267 19.36 2.06 -8.97
C GLU A 267 19.35 0.60 -9.32
N ILE A 268 18.34 0.16 -10.04
CA ILE A 268 18.28 -1.22 -10.48
C ILE A 268 19.17 -1.37 -11.71
N LYS A 269 20.23 -2.18 -11.58
CA LYS A 269 21.21 -2.33 -12.62
C LYS A 269 20.89 -3.50 -13.52
N ASP A 270 20.31 -4.55 -12.94
CA ASP A 270 19.99 -5.77 -13.69
C ASP A 270 19.03 -6.67 -12.92
N VAL A 271 18.03 -7.20 -13.61
CA VAL A 271 17.10 -8.16 -13.05
C VAL A 271 17.08 -9.42 -13.91
N GLN A 272 17.42 -10.55 -13.31
CA GLN A 272 17.56 -11.80 -14.06
C GLN A 272 16.90 -12.96 -13.37
N ILE A 273 16.45 -13.93 -14.16
CA ILE A 273 16.06 -15.20 -13.60
C ILE A 273 17.32 -16.03 -13.43
N ILE A 274 17.47 -16.64 -12.26
CA ILE A 274 18.62 -17.50 -12.01
C ILE A 274 18.22 -18.77 -11.29
N LYS A 275 19.07 -19.79 -11.37
CA LYS A 275 18.80 -21.07 -10.75
C LYS A 275 19.71 -21.26 -9.53
N GLN A 276 19.12 -21.73 -8.44
CA GLN A 276 19.88 -22.10 -7.24
C GLN A 276 19.26 -23.36 -6.64
N SER A 277 20.04 -24.43 -6.54
CA SER A 277 19.56 -25.70 -6.00
C SER A 277 18.25 -26.13 -6.66
N GLU A 278 18.27 -26.16 -7.99
CA GLU A 278 17.15 -26.66 -8.77
C GLU A 278 15.82 -25.91 -8.56
N LYS A 279 15.88 -24.66 -8.10
CA LYS A 279 14.71 -23.78 -8.12
C LYS A 279 15.05 -22.45 -8.78
N GLU A 280 14.04 -21.78 -9.30
CA GLU A 280 14.27 -20.53 -9.99
C GLU A 280 14.04 -19.37 -9.04
N TYR A 281 14.88 -18.36 -9.21
CA TYR A 281 14.87 -17.16 -8.38
C TYR A 281 15.12 -15.94 -9.23
N ILE A 282 14.72 -14.80 -8.71
CA ILE A 282 14.95 -13.54 -9.39
C ILE A 282 16.15 -12.82 -8.75
N ARG A 283 17.23 -12.69 -9.51
CA ARG A 283 18.35 -11.86 -9.10
C ARG A 283 18.04 -10.40 -9.35
N ILE A 284 18.18 -9.58 -8.31
CA ILE A 284 18.05 -8.14 -8.47
C ILE A 284 19.37 -7.47 -8.08
N ASP A 285 20.08 -6.93 -9.07
CA ASP A 285 21.32 -6.22 -8.83
C ASP A 285 21.02 -4.74 -8.68
N ALA A 286 21.56 -4.14 -7.63
CA ALA A 286 21.28 -2.73 -7.33
C ALA A 286 22.52 -1.99 -6.80
N LYS A 287 22.57 -0.70 -7.11
CA LYS A 287 23.62 0.21 -6.67
C LYS A 287 23.03 1.33 -5.83
N VAL A 288 23.59 1.52 -4.63
CA VAL A 288 23.15 2.60 -3.77
C VAL A 288 23.53 3.95 -4.39
N VAL A 289 22.54 4.83 -4.52
CA VAL A 289 22.75 6.19 -5.01
C VAL A 289 22.13 7.16 -4.00
N PRO A 290 22.38 8.47 -4.13
CA PRO A 290 21.71 9.40 -3.20
C PRO A 290 20.20 9.40 -3.39
N LYS A 291 19.46 9.36 -2.29
CA LYS A 291 17.99 9.36 -2.35
C LYS A 291 17.47 10.52 -3.20
N SER A 292 18.15 11.65 -3.09
CA SER A 292 17.71 12.88 -3.73
C SER A 292 17.74 12.77 -5.24
N LYS A 293 18.61 11.92 -5.76
CA LYS A 293 18.71 11.70 -7.18
C LYS A 293 17.43 11.04 -7.70
N ILE A 294 16.94 10.07 -6.95
CA ILE A 294 15.72 9.33 -7.28
C ILE A 294 14.46 10.17 -7.07
N ASP A 295 14.45 10.99 -6.02
CA ASP A 295 13.35 11.89 -5.79
C ASP A 295 13.22 12.90 -6.92
N THR A 296 14.34 13.20 -7.57
CA THR A 296 14.32 14.10 -8.71
C THR A 296 13.64 13.45 -9.90
N LYS A 297 13.92 12.17 -10.14
CA LYS A 297 13.24 11.45 -11.22
C LYS A 297 11.74 11.39 -10.98
N ILE A 298 11.36 11.05 -9.75
CA ILE A 298 9.95 10.98 -9.37
C ILE A 298 9.24 12.30 -9.60
N GLN A 299 9.82 13.38 -9.07
CA GLN A 299 9.26 14.73 -9.23
C GLN A 299 9.13 15.15 -10.69
N GLU A 300 10.13 14.79 -11.49
CA GLU A 300 10.06 15.08 -12.92
C GLU A 300 8.92 14.31 -13.58
N ALA A 301 8.74 13.05 -13.20
CA ALA A 301 7.65 12.27 -13.80
C ALA A 301 6.29 12.79 -13.32
N GLN A 302 6.23 13.34 -12.12
CA GLN A 302 4.98 13.94 -11.64
C GLN A 302 4.59 15.16 -12.49
N LEU A 303 5.58 15.96 -12.83
CA LEU A 303 5.38 17.13 -13.69
C LEU A 303 4.91 16.70 -15.06
N ASN A 304 5.57 15.69 -15.60
CA ASN A 304 5.30 15.18 -16.93
C ASN A 304 3.88 14.66 -17.07
N ILE A 305 3.46 13.77 -16.17
CA ILE A 305 2.12 13.19 -16.24
C ILE A 305 1.03 14.25 -15.98
N ASN A 306 1.33 15.30 -15.21
CA ASN A 306 0.34 16.34 -15.02
C ASN A 306 0.20 17.19 -16.29
N GLN A 307 1.29 17.41 -16.99
CA GLN A 307 1.22 18.20 -18.22
C GLN A 307 0.46 17.42 -19.29
N GLU A 308 0.72 16.12 -19.39
CA GLU A 308 0.01 15.28 -20.36
C GLU A 308 -1.49 15.29 -20.11
N TRP A 309 -1.86 15.09 -18.85
CA TRP A 309 -3.27 14.94 -18.51
C TRP A 309 -4.02 16.25 -18.30
N ASN A 310 -3.31 17.35 -18.04
CA ASN A 310 -3.99 18.64 -18.01
C ASN A 310 -4.44 19.02 -19.42
N LYS A 311 -3.65 18.67 -20.42
CA LYS A 311 -3.98 18.93 -21.81
C LYS A 311 -5.21 18.13 -22.21
N ALA A 312 -5.10 16.81 -22.09
CA ALA A 312 -6.18 15.88 -22.43
C ALA A 312 -7.51 16.21 -21.77
N LEU A 313 -7.47 16.89 -20.63
CA LEU A 313 -8.67 17.17 -19.85
C LEU A 313 -9.08 18.62 -19.95
N GLY A 314 -8.28 19.40 -20.67
CA GLY A 314 -8.58 20.81 -20.85
C GLY A 314 -8.53 21.54 -19.53
N LEU A 315 -7.46 21.31 -18.79
CA LEU A 315 -7.22 21.99 -17.53
C LEU A 315 -6.06 22.93 -17.73
N PRO A 316 -6.00 24.00 -16.92
CA PRO A 316 -4.84 24.90 -16.91
C PRO A 316 -3.55 24.10 -16.73
N LYS A 317 -2.48 24.47 -17.44
CA LYS A 317 -1.27 23.66 -17.52
C LYS A 317 -0.51 23.48 -16.18
N TYR A 318 -0.67 24.43 -15.26
CA TYR A 318 0.00 24.38 -13.97
C TYR A 318 -0.81 23.61 -12.91
N THR A 319 -2.00 23.13 -13.27
CA THR A 319 -2.86 22.38 -12.35
C THR A 319 -2.14 21.18 -11.72
N LYS A 320 -2.31 21.02 -10.40
CA LYS A 320 -1.76 19.87 -9.68
C LYS A 320 -2.87 18.87 -9.38
N LEU A 321 -2.93 17.82 -10.19
CA LEU A 321 -4.00 16.84 -10.07
C LEU A 321 -3.50 15.49 -9.62
N ILE A 322 -2.35 15.08 -10.16
CA ILE A 322 -1.79 13.78 -9.89
C ILE A 322 -0.61 13.89 -8.94
N THR A 323 -0.68 13.17 -7.82
CA THR A 323 0.41 13.16 -6.85
C THR A 323 1.08 11.79 -6.81
N PHE A 324 2.40 11.75 -6.94
CA PHE A 324 3.17 10.54 -6.62
C PHE A 324 3.66 10.67 -5.18
N ASN A 325 3.04 9.96 -4.26
CA ASN A 325 3.54 9.92 -2.89
C ASN A 325 4.32 8.61 -2.69
N VAL A 326 5.59 8.64 -3.05
CA VAL A 326 6.34 7.42 -3.30
C VAL A 326 7.64 7.34 -2.49
N HIS A 327 7.81 6.28 -1.69
CA HIS A 327 8.92 6.22 -0.75
C HIS A 327 9.54 4.84 -0.51
N ASN A 328 9.09 3.82 -1.23
CA ASN A 328 9.51 2.49 -0.87
C ASN A 328 10.12 1.69 -2.02
N ARG A 329 10.31 0.40 -1.80
CA ARG A 329 11.29 -0.37 -2.57
C ARG A 329 10.85 -0.68 -4.02
N TYR A 330 9.60 -0.41 -4.35
CA TYR A 330 9.09 -0.63 -5.71
C TYR A 330 8.73 0.71 -6.38
N ALA A 331 9.42 1.76 -5.94
CA ALA A 331 9.15 3.15 -6.32
C ALA A 331 8.82 3.40 -7.79
N SER A 332 9.66 2.92 -8.69
CA SER A 332 9.53 3.27 -10.09
C SER A 332 8.28 2.64 -10.72
N ASN A 333 7.88 1.47 -10.23
CA ASN A 333 6.72 0.83 -10.78
C ASN A 333 5.45 1.59 -10.41
N ILE A 334 5.42 2.13 -9.20
CA ILE A 334 4.29 2.96 -8.76
C ILE A 334 4.16 4.14 -9.72
N VAL A 335 5.29 4.64 -10.24
CA VAL A 335 5.26 5.75 -11.16
C VAL A 335 4.70 5.36 -12.54
N GLU A 336 5.32 4.36 -13.18
CA GLU A 336 4.88 3.86 -14.49
C GLU A 336 3.44 3.34 -14.46
N SER A 337 3.05 2.73 -13.34
CA SER A 337 1.74 2.14 -13.19
C SER A 337 0.61 3.20 -13.28
N ALA A 338 0.89 4.41 -12.81
CA ALA A 338 -0.12 5.46 -12.85
C ALA A 338 -0.47 5.85 -14.28
N TYR A 339 0.52 5.84 -15.16
CA TYR A 339 0.28 6.11 -16.56
C TYR A 339 -0.70 5.10 -17.16
N LEU A 340 -0.50 3.82 -16.85
CA LEU A 340 -1.36 2.78 -17.41
C LEU A 340 -2.76 2.91 -16.84
N ILE A 341 -2.84 3.15 -15.53
CA ILE A 341 -4.12 3.16 -14.84
C ILE A 341 -4.99 4.26 -15.42
N LEU A 342 -4.36 5.39 -15.70
CA LEU A 342 -5.12 6.52 -16.18
C LEU A 342 -5.49 6.32 -17.64
N ASN A 343 -4.64 5.62 -18.39
CA ASN A 343 -4.95 5.26 -19.76
C ASN A 343 -6.13 4.30 -19.88
N GLU A 344 -6.22 3.30 -19.00
CA GLU A 344 -7.37 2.40 -19.01
C GLU A 344 -8.64 3.15 -18.61
N TRP A 345 -8.50 4.06 -17.66
CA TRP A 345 -9.59 4.93 -17.23
C TRP A 345 -10.16 5.71 -18.42
N LYS A 346 -9.27 6.29 -19.22
CA LYS A 346 -9.63 7.07 -20.40
C LYS A 346 -10.30 6.20 -21.48
N ASN A 347 -9.84 4.96 -21.62
CA ASN A 347 -10.33 4.08 -22.66
C ASN A 347 -11.71 3.54 -22.35
N ASN A 348 -11.98 3.28 -21.08
CA ASN A 348 -13.24 2.63 -20.72
C ASN A 348 -14.34 3.54 -20.17
N ILE A 349 -14.13 4.85 -20.16
CA ILE A 349 -15.13 5.78 -19.64
C ILE A 349 -15.30 6.96 -20.58
N GLN A 350 -16.55 7.39 -20.82
CA GLN A 350 -16.84 8.46 -21.77
C GLN A 350 -16.02 9.69 -21.45
N SER A 351 -15.45 10.30 -22.49
CA SER A 351 -14.63 11.50 -22.34
C SER A 351 -15.31 12.64 -21.58
N ASP A 352 -16.60 12.85 -21.81
CA ASP A 352 -17.30 13.96 -21.18
C ASP A 352 -17.61 13.71 -19.70
N LEU A 353 -17.84 12.45 -19.35
CA LEU A 353 -18.04 12.09 -17.95
C LEU A 353 -16.75 12.35 -17.18
N ILE A 354 -15.64 11.97 -17.78
CA ILE A 354 -14.33 12.15 -17.16
C ILE A 354 -14.07 13.63 -16.92
N LYS A 355 -14.26 14.44 -17.95
CA LYS A 355 -13.94 15.85 -17.85
C LYS A 355 -14.82 16.57 -16.80
N LYS A 356 -16.12 16.30 -16.81
CA LYS A 356 -17.04 16.95 -15.89
C LYS A 356 -16.73 16.64 -14.42
N VAL A 357 -16.47 15.36 -14.12
CA VAL A 357 -16.23 14.94 -12.76
C VAL A 357 -14.86 15.42 -12.26
N THR A 358 -13.85 15.28 -13.11
CA THR A 358 -12.52 15.70 -12.74
C THR A 358 -12.47 17.21 -12.50
N ASN A 359 -13.22 17.98 -13.28
CA ASN A 359 -13.27 19.42 -13.07
C ASN A 359 -13.87 19.76 -11.71
N TYR A 360 -14.85 18.96 -11.30
CA TYR A 360 -15.46 19.10 -9.98
C TYR A 360 -14.43 18.85 -8.88
N LEU A 361 -13.60 17.82 -9.06
CA LEU A 361 -12.59 17.49 -8.05
C LEU A 361 -11.52 18.56 -8.02
N VAL A 362 -11.11 19.07 -9.19
CA VAL A 362 -10.14 20.15 -9.20
C VAL A 362 -10.72 21.40 -8.49
N ASP A 363 -12.01 21.64 -8.66
CA ASP A 363 -12.69 22.76 -7.99
C ASP A 363 -12.62 22.65 -6.47
N GLY A 364 -12.43 21.43 -5.96
CA GLY A 364 -12.36 21.21 -4.52
C GLY A 364 -10.94 20.86 -4.08
N ASN A 365 -9.96 21.21 -4.92
CA ASN A 365 -8.54 20.99 -4.67
C ASN A 365 -8.16 19.52 -4.55
N GLY A 366 -8.88 18.66 -5.28
CA GLY A 366 -8.71 17.23 -5.16
C GLY A 366 -7.46 16.72 -5.83
N ARG A 367 -7.12 15.46 -5.56
CA ARG A 367 -5.92 14.83 -6.11
C ARG A 367 -6.20 13.39 -6.55
N PHE A 368 -5.50 12.91 -7.57
CA PHE A 368 -5.32 11.47 -7.74
C PHE A 368 -3.98 11.13 -7.09
N VAL A 369 -4.03 10.45 -5.95
CA VAL A 369 -2.80 10.10 -5.25
C VAL A 369 -2.37 8.65 -5.49
N PHE A 370 -1.22 8.47 -6.13
CA PHE A 370 -0.64 7.14 -6.31
C PHE A 370 0.53 6.96 -5.35
N THR A 371 0.42 5.97 -4.48
CA THR A 371 1.35 5.87 -3.37
C THR A 371 1.78 4.46 -3.01
N ASP A 372 2.94 4.37 -2.35
CA ASP A 372 3.36 3.13 -1.73
C ASP A 372 3.49 3.26 -0.20
N ILE A 373 2.82 4.26 0.39
CA ILE A 373 2.71 4.29 1.85
C ILE A 373 1.25 4.05 2.22
N THR A 374 0.99 3.63 3.45
CA THR A 374 -0.37 3.21 3.78
C THR A 374 -1.29 4.43 3.85
N LEU A 375 -2.53 4.24 3.42
CA LEU A 375 -3.44 5.36 3.20
C LEU A 375 -3.72 6.19 4.46
N PRO A 376 -3.71 5.58 5.66
CA PRO A 376 -3.89 6.48 6.81
C PRO A 376 -2.77 7.53 6.90
N ASN A 377 -1.65 7.31 6.23
CA ASN A 377 -0.55 8.28 6.27
C ASN A 377 -0.57 9.24 5.09
N ILE A 378 -1.68 9.23 4.33
CA ILE A 378 -1.91 10.22 3.29
C ILE A 378 -2.72 11.40 3.86
N ALA A 379 -2.20 12.61 3.71
CA ALA A 379 -2.87 13.80 4.26
C ALA A 379 -4.31 13.98 3.73
N GLU A 380 -4.54 13.73 2.44
CA GLU A 380 -5.90 13.82 1.91
C GLU A 380 -6.85 12.89 2.65
N GLN A 381 -6.34 11.89 3.39
CA GLN A 381 -7.21 11.15 4.32
C GLN A 381 -7.12 11.72 5.72
N TYR A 382 -5.93 11.79 6.31
CA TYR A 382 -5.87 12.02 7.76
C TYR A 382 -6.26 13.45 8.18
N THR A 383 -6.05 14.46 7.35
CA THR A 383 -6.48 15.80 7.74
C THR A 383 -8.01 15.90 7.91
N HIS A 384 -8.77 14.93 7.41
CA HIS A 384 -10.22 14.98 7.57
C HIS A 384 -10.73 13.88 8.48
N GLN A 385 -9.83 13.03 8.94
CA GLN A 385 -10.23 11.94 9.82
C GLN A 385 -9.39 11.94 11.10
N ASP A 386 -9.83 12.69 12.11
CA ASP A 386 -9.05 12.85 13.35
C ASP A 386 -8.91 11.54 14.13
N GLU A 387 -9.98 10.73 14.15
CA GLU A 387 -9.98 9.51 14.94
C GLU A 387 -9.27 8.39 14.19
N ILE A 388 -8.22 7.87 14.78
CA ILE A 388 -7.45 6.78 14.18
C ILE A 388 -8.33 5.55 13.99
N TYR A 389 -9.29 5.36 14.87
CA TYR A 389 -10.15 4.21 14.71
C TYR A 389 -11.05 4.38 13.47
N GLU A 390 -11.12 5.59 12.90
CA GLU A 390 -11.86 5.80 11.64
C GLU A 390 -10.95 5.82 10.41
N GLN A 391 -9.64 5.87 10.58
CA GLN A 391 -8.76 5.86 9.40
C GLN A 391 -8.73 4.47 8.76
N VAL A 392 -8.64 4.42 7.43
CA VAL A 392 -8.67 3.15 6.73
C VAL A 392 -7.42 2.90 5.90
N HIS A 393 -6.90 1.67 5.92
CA HIS A 393 -5.94 1.29 4.90
C HIS A 393 -6.55 0.24 3.98
N SER A 394 -6.27 0.36 2.69
CA SER A 394 -6.84 -0.53 1.69
C SER A 394 -6.20 -0.26 0.36
N LYS A 395 -6.68 -0.96 -0.66
CA LYS A 395 -6.16 -0.83 -2.01
C LYS A 395 -6.46 0.55 -2.55
N GLY A 396 -7.65 1.05 -2.27
CA GLY A 396 -8.09 2.30 -2.84
C GLY A 396 -9.16 2.96 -1.98
N LEU A 397 -9.33 4.26 -2.18
CA LEU A 397 -10.25 5.03 -1.36
C LEU A 397 -10.69 6.30 -2.12
N TYR A 398 -11.92 6.73 -1.86
CA TYR A 398 -12.32 8.06 -2.26
C TYR A 398 -12.67 8.84 -1.00
N VAL A 399 -12.06 10.02 -0.83
CA VAL A 399 -12.33 10.87 0.33
C VAL A 399 -13.11 12.11 -0.11
N PRO A 400 -14.42 12.15 0.15
CA PRO A 400 -15.20 13.28 -0.39
C PRO A 400 -14.81 14.65 0.19
N GLU A 401 -14.41 14.70 1.47
CA GLU A 401 -13.98 15.96 2.11
C GLU A 401 -12.80 16.63 1.41
N SER A 402 -11.96 15.85 0.72
CA SER A 402 -10.80 16.42 0.02
C SER A 402 -10.87 16.12 -1.48
N ARG A 403 -11.98 15.53 -1.89
CA ARG A 403 -12.23 15.16 -3.28
C ARG A 403 -11.06 14.44 -3.91
N SER A 404 -10.54 13.44 -3.20
CA SER A 404 -9.38 12.77 -3.72
C SER A 404 -9.59 11.26 -3.81
N ILE A 405 -8.96 10.70 -4.84
CA ILE A 405 -8.86 9.27 -5.02
C ILE A 405 -7.47 8.81 -4.54
N LEU A 406 -7.43 7.81 -3.66
CA LEU A 406 -6.14 7.29 -3.18
C LEU A 406 -5.98 5.86 -3.68
N LEU A 407 -4.81 5.56 -4.23
CA LEU A 407 -4.53 4.22 -4.71
C LEU A 407 -3.19 3.71 -4.19
N HIS A 408 -3.25 2.63 -3.42
CA HIS A 408 -2.08 1.98 -2.85
C HIS A 408 -1.52 0.90 -3.77
N GLY A 409 -0.36 1.17 -4.36
CA GLY A 409 0.30 0.22 -5.25
C GLY A 409 0.58 -1.20 -4.75
N PRO A 410 1.40 -1.34 -3.69
CA PRO A 410 1.93 -2.62 -3.20
C PRO A 410 0.89 -3.68 -2.88
N SER A 411 -0.28 -3.27 -2.42
CA SER A 411 -1.23 -4.26 -1.92
C SER A 411 -2.10 -4.83 -3.04
N LYS A 412 -2.89 -5.83 -2.69
CA LYS A 412 -3.78 -6.48 -3.62
C LYS A 412 -5.21 -6.34 -3.10
N GLY A 413 -6.10 -5.79 -3.93
CA GLY A 413 -7.47 -5.57 -3.52
C GLY A 413 -8.23 -6.87 -3.45
N VAL A 414 -9.12 -6.99 -2.48
CA VAL A 414 -9.94 -8.19 -2.35
C VAL A 414 -10.91 -8.34 -3.53
N GLU A 415 -10.71 -9.42 -4.28
CA GLU A 415 -11.45 -9.72 -5.50
C GLU A 415 -11.32 -8.62 -6.55
N LEU A 416 -10.11 -8.09 -6.71
CA LEU A 416 -9.81 -7.13 -7.77
C LEU A 416 -8.72 -7.66 -8.70
N ARG A 417 -8.99 -7.70 -10.01
CA ARG A 417 -8.00 -8.19 -10.98
C ARG A 417 -6.74 -7.35 -10.94
N ASN A 418 -6.91 -6.04 -11.06
CA ASN A 418 -5.79 -5.12 -11.21
C ASN A 418 -6.10 -3.75 -10.60
N ASP A 419 -5.14 -2.84 -10.72
CA ASP A 419 -5.27 -1.51 -10.13
C ASP A 419 -6.18 -0.61 -10.97
N SER A 420 -6.16 -0.81 -12.29
CA SER A 420 -7.05 -0.07 -13.18
C SER A 420 -8.51 -0.27 -12.79
N GLU A 421 -8.89 -1.49 -12.47
CA GLU A 421 -10.28 -1.72 -12.07
C GLU A 421 -10.58 -1.03 -10.75
N GLY A 422 -9.61 -1.02 -9.84
CA GLY A 422 -9.76 -0.38 -8.55
C GLY A 422 -9.99 1.12 -8.68
N PHE A 423 -9.22 1.76 -9.55
CA PHE A 423 -9.40 3.18 -9.82
C PHE A 423 -10.80 3.51 -10.31
N ILE A 424 -11.31 2.70 -11.24
CA ILE A 424 -12.62 2.93 -11.81
C ILE A 424 -13.70 2.86 -10.73
N HIS A 425 -13.53 1.91 -9.80
CA HIS A 425 -14.44 1.82 -8.65
C HIS A 425 -14.39 3.12 -7.85
N GLU A 426 -13.19 3.66 -7.57
CA GLU A 426 -13.11 4.86 -6.75
C GLU A 426 -13.68 6.05 -7.51
N PHE A 427 -13.44 6.09 -8.82
CA PHE A 427 -14.01 7.15 -9.64
C PHE A 427 -15.54 7.03 -9.59
N GLY A 428 -16.04 5.81 -9.45
CA GLY A 428 -17.46 5.58 -9.19
C GLY A 428 -17.96 6.33 -7.97
N HIS A 429 -17.19 6.30 -6.88
CA HIS A 429 -17.55 7.04 -5.68
C HIS A 429 -17.60 8.55 -5.94
N ALA A 430 -16.67 9.01 -6.78
CA ALA A 430 -16.59 10.41 -7.14
C ALA A 430 -17.81 10.82 -7.97
N VAL A 431 -18.21 9.96 -8.90
CA VAL A 431 -19.44 10.17 -9.71
C VAL A 431 -20.70 10.30 -8.86
N ASP A 432 -20.81 9.46 -7.84
CA ASP A 432 -21.85 9.53 -6.81
C ASP A 432 -21.88 10.91 -6.11
N ASP A 433 -20.72 11.34 -5.65
CA ASP A 433 -20.50 12.64 -5.02
C ASP A 433 -21.03 13.78 -5.92
N TYR A 434 -20.54 13.84 -7.15
CA TYR A 434 -20.86 14.95 -8.04
C TYR A 434 -22.32 14.93 -8.51
N ALA A 435 -22.89 13.74 -8.65
CA ALA A 435 -24.29 13.61 -9.05
C ALA A 435 -25.17 14.22 -7.97
N GLY A 436 -24.95 13.80 -6.72
CA GLY A 436 -25.70 14.33 -5.59
C GLY A 436 -25.48 15.81 -5.34
N TYR A 437 -24.33 16.31 -5.74
CA TYR A 437 -24.06 17.74 -5.63
C TYR A 437 -24.90 18.52 -6.62
N LEU A 438 -24.87 18.10 -7.88
CA LEU A 438 -25.64 18.74 -8.92
C LEU A 438 -27.13 18.75 -8.59
N LEU A 439 -27.57 17.70 -7.90
CA LEU A 439 -28.97 17.54 -7.51
C LEU A 439 -29.42 18.60 -6.51
N ASP A 440 -28.46 19.17 -5.79
CA ASP A 440 -28.73 20.10 -4.69
C ASP A 440 -27.42 20.74 -4.23
N LYS A 441 -26.99 21.79 -4.91
CA LYS A 441 -25.65 22.34 -4.67
C LYS A 441 -25.52 23.05 -3.32
N ASN A 442 -26.65 23.27 -2.64
CA ASN A 442 -26.62 24.00 -1.35
C ASN A 442 -26.64 23.07 -0.16
N GLN A 443 -26.90 21.80 -0.44
CA GLN A 443 -27.09 20.79 0.58
C GLN A 443 -26.31 19.56 0.15
N SER A 444 -25.06 19.78 -0.26
CA SER A 444 -24.26 18.76 -0.93
C SER A 444 -24.26 17.42 -0.19
N ASP A 445 -24.86 16.43 -0.84
CA ASP A 445 -24.94 15.07 -0.33
C ASP A 445 -24.61 14.10 -1.45
N LEU A 446 -24.48 12.82 -1.13
CA LEU A 446 -24.25 11.76 -2.13
C LEU A 446 -25.54 11.30 -2.77
N VAL A 447 -25.52 11.12 -4.09
CA VAL A 447 -26.73 10.70 -4.80
C VAL A 447 -27.22 9.34 -4.27
N THR A 448 -26.33 8.51 -3.74
CA THR A 448 -26.75 7.23 -3.18
C THR A 448 -27.39 7.39 -1.82
N ASN A 449 -27.40 8.61 -1.30
CA ASN A 449 -28.14 8.87 -0.08
C ASN A 449 -29.59 9.24 -0.38
N SER A 450 -29.87 9.53 -1.66
CA SER A 450 -31.24 9.82 -2.11
C SER A 450 -32.21 8.66 -1.92
N LYS A 451 -33.49 8.98 -1.75
CA LYS A 451 -34.50 7.97 -1.44
C LYS A 451 -34.71 6.97 -2.59
N LYS A 452 -34.70 7.48 -3.82
CA LYS A 452 -34.78 6.60 -4.98
C LYS A 452 -33.67 5.54 -4.98
N PHE A 453 -32.44 5.90 -4.66
CA PHE A 453 -31.40 4.90 -4.77
C PHE A 453 -31.46 3.91 -3.63
N ILE A 454 -31.86 4.39 -2.46
CA ILE A 454 -31.98 3.53 -1.30
C ILE A 454 -32.93 2.38 -1.56
N ASP A 455 -34.04 2.69 -2.20
CA ASP A 455 -35.03 1.67 -2.52
C ASP A 455 -34.48 0.69 -3.55
N ILE A 456 -33.81 1.19 -4.59
CA ILE A 456 -33.13 0.32 -5.56
C ILE A 456 -32.17 -0.64 -4.85
N PHE A 457 -31.42 -0.13 -3.86
CA PHE A 457 -30.45 -0.94 -3.11
C PHE A 457 -31.11 -2.04 -2.28
N LYS A 458 -32.26 -1.77 -1.69
CA LYS A 458 -32.93 -2.76 -0.85
C LYS A 458 -33.43 -3.93 -1.69
N GLU A 459 -33.59 -3.68 -2.99
CA GLU A 459 -34.06 -4.68 -3.93
C GLU A 459 -32.91 -5.44 -4.60
N GLU A 460 -32.07 -4.72 -5.33
CA GLU A 460 -31.09 -5.34 -6.22
C GLU A 460 -29.73 -5.48 -5.55
N GLY A 461 -29.64 -4.94 -4.34
CA GLY A 461 -28.40 -4.86 -3.61
C GLY A 461 -27.57 -6.14 -3.49
N SER A 462 -28.18 -7.29 -3.70
CA SER A 462 -27.47 -8.57 -3.52
C SER A 462 -27.16 -9.26 -4.85
N ASN A 463 -27.47 -8.59 -5.94
CA ASN A 463 -27.41 -9.22 -7.24
C ASN A 463 -26.06 -9.11 -7.93
N LEU A 464 -25.17 -8.28 -7.39
CA LEU A 464 -23.86 -8.08 -8.00
C LEU A 464 -22.82 -8.70 -7.09
N THR A 465 -21.68 -8.04 -6.87
CA THR A 465 -20.62 -8.65 -6.07
C THR A 465 -21.01 -8.80 -4.61
N SER A 466 -20.32 -9.71 -3.91
CA SER A 466 -20.56 -9.89 -2.49
C SER A 466 -20.32 -8.60 -1.74
N TYR A 467 -19.22 -7.92 -2.07
CA TYR A 467 -18.90 -6.67 -1.40
C TYR A 467 -19.94 -5.57 -1.72
N GLY A 468 -20.61 -5.67 -2.87
CA GLY A 468 -21.63 -4.70 -3.21
C GLY A 468 -22.79 -4.65 -2.23
N ARG A 469 -22.89 -5.66 -1.37
CA ARG A 469 -23.96 -5.75 -0.37
C ARG A 469 -23.74 -4.82 0.83
N THR A 470 -22.53 -4.32 1.01
CA THR A 470 -22.16 -3.57 2.21
C THR A 470 -23.08 -2.38 2.48
N ASN A 471 -23.29 -1.55 1.46
CA ASN A 471 -24.14 -0.39 1.57
C ASN A 471 -24.33 0.25 0.23
N GLU A 472 -25.16 1.28 0.20
CA GLU A 472 -25.57 1.93 -1.05
C GLU A 472 -24.38 2.43 -1.83
N ALA A 473 -23.41 2.99 -1.12
CA ALA A 473 -22.31 3.68 -1.76
C ALA A 473 -21.42 2.69 -2.49
N GLU A 474 -21.10 1.59 -1.84
CA GLU A 474 -20.25 0.57 -2.43
C GLU A 474 -20.99 -0.15 -3.57
N PHE A 475 -22.29 -0.40 -3.37
CA PHE A 475 -23.12 -1.03 -4.39
C PHE A 475 -23.05 -0.24 -5.69
N PHE A 476 -23.25 1.07 -5.56
CA PHE A 476 -23.12 2.00 -6.68
C PHE A 476 -21.76 1.92 -7.36
N ALA A 477 -20.70 1.90 -6.53
CA ALA A 477 -19.32 1.93 -7.02
C ALA A 477 -18.97 0.62 -7.70
N GLU A 478 -19.43 -0.48 -7.13
CA GLU A 478 -19.22 -1.77 -7.78
C GLU A 478 -20.00 -1.85 -9.11
N ALA A 479 -21.28 -1.42 -9.11
CA ALA A 479 -22.08 -1.44 -10.33
C ALA A 479 -21.38 -0.59 -11.38
N PHE A 480 -20.95 0.58 -10.97
CA PHE A 480 -20.25 1.48 -11.88
C PHE A 480 -19.03 0.80 -12.49
N ARG A 481 -18.25 0.15 -11.65
CA ARG A 481 -17.01 -0.49 -12.07
C ARG A 481 -17.33 -1.62 -13.04
N LEU A 482 -18.23 -2.52 -12.63
CA LEU A 482 -18.68 -3.61 -13.50
C LEU A 482 -19.25 -3.08 -14.81
N MET A 483 -20.03 -2.01 -14.76
CA MET A 483 -20.58 -1.44 -16.00
C MET A 483 -19.49 -0.92 -16.96
N HIS A 484 -18.28 -0.67 -16.47
CA HIS A 484 -17.26 -0.17 -17.37
C HIS A 484 -16.08 -1.13 -17.58
N SER A 485 -16.28 -2.39 -17.19
CA SER A 485 -15.31 -3.44 -17.40
C SER A 485 -14.94 -3.60 -18.87
N THR A 486 -13.72 -4.02 -19.14
CA THR A 486 -13.33 -4.37 -20.50
C THR A 486 -14.01 -5.66 -20.93
N ASP A 487 -14.31 -6.53 -19.97
CA ASP A 487 -15.09 -7.76 -20.22
C ASP A 487 -16.58 -7.49 -20.46
N HIS A 488 -17.04 -7.73 -21.69
CA HIS A 488 -18.43 -7.44 -22.07
C HIS A 488 -19.46 -8.28 -21.28
N ALA A 489 -19.06 -9.47 -20.86
CA ALA A 489 -19.94 -10.33 -20.08
C ALA A 489 -20.33 -9.61 -18.80
N GLU A 490 -19.36 -9.00 -18.14
CA GLU A 490 -19.60 -8.33 -16.87
C GLU A 490 -20.52 -7.12 -17.04
N ARG A 491 -20.32 -6.30 -18.08
CA ARG A 491 -21.19 -5.15 -18.30
C ARG A 491 -22.65 -5.57 -18.44
N LEU A 492 -22.84 -6.81 -18.89
CA LEU A 492 -24.17 -7.32 -19.21
C LEU A 492 -24.87 -7.93 -18.00
N LYS A 493 -24.08 -8.54 -17.12
CA LYS A 493 -24.60 -9.09 -15.87
C LYS A 493 -25.20 -7.99 -14.98
N VAL A 494 -24.81 -6.74 -15.20
CA VAL A 494 -25.37 -5.64 -14.41
C VAL A 494 -26.70 -5.24 -15.01
N GLN A 495 -26.72 -5.03 -16.31
CA GLN A 495 -27.96 -4.76 -17.04
C GLN A 495 -29.01 -5.85 -16.77
N LYS A 496 -28.60 -7.10 -16.79
CA LYS A 496 -29.54 -8.19 -16.57
C LYS A 496 -29.93 -8.33 -15.09
N ASN A 497 -28.95 -8.48 -14.21
CA ASN A 497 -29.22 -8.77 -12.79
C ASN A 497 -29.55 -7.59 -11.90
N ALA A 498 -29.24 -6.38 -12.35
CA ALA A 498 -29.57 -5.19 -11.56
C ALA A 498 -30.04 -4.05 -12.45
N PRO A 499 -31.16 -4.27 -13.16
CA PRO A 499 -31.60 -3.32 -14.20
C PRO A 499 -31.99 -1.91 -13.70
N LYS A 500 -32.57 -1.76 -12.52
CA LYS A 500 -32.86 -0.42 -12.01
C LYS A 500 -31.55 0.32 -11.68
N THR A 501 -30.60 -0.39 -11.09
CA THR A 501 -29.30 0.20 -10.83
C THR A 501 -28.64 0.64 -12.14
N PHE A 502 -28.62 -0.26 -13.12
CA PHE A 502 -28.06 0.05 -14.45
C PHE A 502 -28.64 1.35 -15.00
N GLN A 503 -29.98 1.43 -15.02
CA GLN A 503 -30.65 2.61 -15.53
C GLN A 503 -30.38 3.83 -14.66
N PHE A 504 -30.46 3.65 -13.35
CA PHE A 504 -30.19 4.74 -12.42
C PHE A 504 -28.81 5.37 -12.68
N ILE A 505 -27.82 4.53 -12.98
CA ILE A 505 -26.47 5.04 -13.13
C ILE A 505 -26.30 5.74 -14.47
N ASN A 506 -26.82 5.13 -15.53
CA ASN A 506 -26.80 5.78 -16.84
C ASN A 506 -27.55 7.10 -16.82
N ASP A 507 -28.58 7.17 -15.97
CA ASP A 507 -29.29 8.41 -15.76
C ASP A 507 -28.40 9.44 -15.08
N GLN A 508 -27.65 9.03 -14.05
CA GLN A 508 -26.76 9.95 -13.37
C GLN A 508 -25.72 10.43 -14.37
N ILE A 509 -25.28 9.52 -15.23
CA ILE A 509 -24.24 9.85 -16.20
C ILE A 509 -24.73 10.91 -17.20
N LYS A 510 -25.91 10.70 -17.79
CA LYS A 510 -26.52 11.70 -18.67
C LYS A 510 -26.64 13.03 -17.91
N PHE A 511 -27.24 12.96 -16.73
CA PHE A 511 -27.47 14.14 -15.90
C PHE A 511 -26.18 14.94 -15.66
N ILE A 512 -25.06 14.25 -15.42
CA ILE A 512 -23.79 14.94 -15.25
C ILE A 512 -23.30 15.55 -16.55
N ILE A 513 -23.35 14.77 -17.62
CA ILE A 513 -22.79 15.23 -18.89
C ILE A 513 -23.53 16.46 -19.45
N ASN A 514 -24.83 16.57 -19.15
CA ASN A 514 -25.65 17.68 -19.63
C ASN A 514 -25.62 18.94 -18.77
N SER A 515 -24.85 18.92 -17.69
CA SER A 515 -24.75 20.10 -16.82
C SER A 515 -23.90 21.21 -17.48
N LEU A 516 -24.04 22.43 -17.01
CA LEU A 516 -23.57 23.63 -17.71
C LEU A 516 -22.06 23.92 -17.62
N VAL A 517 -21.65 25.07 -18.17
CA VAL A 517 -20.29 25.59 -18.03
C VAL A 517 -20.29 27.09 -17.70
#